data_3MCP
#
_entry.id   3MCP
#
_cell.length_a   80.732
_cell.length_b   80.732
_cell.length_c   142.581
_cell.angle_alpha   90.000
_cell.angle_beta   90.000
_cell.angle_gamma   90.000
#
_symmetry.space_group_name_H-M   'P 43 21 2'
#
loop_
_entity.id
_entity.type
_entity.pdbx_description
1 polymer Glucokinase
2 non-polymer GLYCEROL
3 non-polymer 'FORMIC ACID'
4 water water
#
_entity_poly.entity_id   1
_entity_poly.type   'polypeptide(L)'
_entity_poly.pdbx_seq_one_letter_code
;G(MSE)(MSE)YTNDNRIV(MSE)TLDAGGTNFVFSAIQGGKEIADPVVLPACADCLDKCLGNLVEGFKAIQAGLPEAPV
AISFAFPGPADYQAGIIGDLPNFPSFRGGVALGPFLEDIFGIPVFINNDGSLFAYGEALTGVLPEINRRLREAGSTKRYK
NLLGVTLGTGFGAGVVIDGELLRGDNAAGGYVWCLRNKKYPEYIVEESVSIRAV(MSE)RVYAERSGDAGARTPKEIFEI
AEGIRPGNREAAIAAFEELGE(MSE)AGDALASAITLIDGLIVIGGGLSGASKYILPVLLKE(MSE)NAQTG(MSE)
(MSE)DGARFGRLQKEVYDLDEEKSFAGFARGEAVEVLVPGTNRKVGYDPCKRIGVTFSKQGANRSIA(MSE)GAYVFAL
NHLSK
;
_entity_poly.pdbx_strand_id   A
#
# COMPACT_ATOMS: atom_id res chain seq x y z
N TYR A 4 -10.83 -14.61 7.18
CA TYR A 4 -10.94 -14.42 8.65
C TYR A 4 -12.32 -13.91 9.11
N THR A 5 -13.32 -13.99 8.24
CA THR A 5 -14.64 -13.40 8.53
C THR A 5 -15.30 -13.96 9.80
N ASN A 6 -14.97 -15.19 10.19
CA ASN A 6 -15.59 -15.79 11.38
C ASN A 6 -14.61 -16.04 12.53
N ASP A 7 -13.52 -15.27 12.59
CA ASP A 7 -12.50 -15.46 13.63
C ASP A 7 -12.83 -14.66 14.90
N ASN A 8 -12.76 -15.34 16.05
CA ASN A 8 -13.09 -14.73 17.35
C ASN A 8 -11.97 -13.86 17.96
N ARG A 9 -10.75 -14.03 17.46
CA ARG A 9 -9.56 -13.35 18.03
C ARG A 9 -9.56 -11.85 17.77
N ILE A 10 -9.43 -11.06 18.85
CA ILE A 10 -9.48 -9.58 18.78
C ILE A 10 -8.11 -8.91 18.83
N VAL A 11 -7.84 -8.01 17.88
CA VAL A 11 -6.63 -7.21 17.88
C VAL A 11 -7.01 -5.74 18.03
N THR A 13 -6.23 -1.81 17.67
CA THR A 13 -5.48 -1.07 16.70
C THR A 13 -5.47 0.41 17.02
N LEU A 14 -4.71 1.17 16.24
CA LEU A 14 -4.57 2.60 16.44
C LEU A 14 -4.31 3.29 15.12
N ASP A 15 -4.89 4.47 14.96
CA ASP A 15 -4.69 5.30 13.79
C ASP A 15 -3.99 6.58 14.23
N ALA A 16 -2.67 6.63 14.05
CA ALA A 16 -1.90 7.82 14.36
C ALA A 16 -1.64 8.57 13.06
N GLY A 17 -2.64 8.61 12.19
CA GLY A 17 -2.54 9.27 10.89
C GLY A 17 -1.97 10.67 10.99
N GLY A 18 -2.57 11.49 11.87
CA GLY A 18 -2.09 12.84 12.08
C GLY A 18 -2.95 13.67 13.01
N THR A 19 -2.29 14.50 13.84
CA THR A 19 -2.95 15.41 14.79
C THR A 19 -3.33 14.73 16.11
N ASN A 20 -3.90 13.53 16.02
CA ASN A 20 -4.31 12.79 17.22
C ASN A 20 -4.33 11.25 17.07
N PHE A 21 -4.67 10.57 18.16
CA PHE A 21 -4.74 9.11 18.18
C PHE A 21 -6.19 8.63 18.18
N VAL A 22 -6.50 7.67 17.32
CA VAL A 22 -7.85 7.05 17.26
C VAL A 22 -7.72 5.55 17.50
N PHE A 23 -8.15 5.11 18.68
CA PHE A 23 -8.01 3.72 19.08
C PHE A 23 -9.24 2.92 18.71
N SER A 24 -9.03 1.69 18.25
CA SER A 24 -10.13 0.81 17.87
C SER A 24 -9.74 -0.66 18.12
N ALA A 25 -10.60 -1.58 17.67
CA ALA A 25 -10.35 -3.03 17.81
C ALA A 25 -10.99 -3.79 16.64
N ILE A 26 -10.35 -4.88 16.23
CA ILE A 26 -10.84 -5.67 15.10
C ILE A 26 -11.05 -7.14 15.48
N GLN A 27 -12.24 -7.66 15.16
CA GLN A 27 -12.60 -9.06 15.39
C GLN A 27 -13.18 -9.59 14.09
N GLY A 28 -12.67 -10.72 13.63
CA GLY A 28 -13.01 -11.18 12.30
C GLY A 28 -12.49 -10.10 11.37
N GLY A 29 -13.30 -9.68 10.41
CA GLY A 29 -12.90 -8.58 9.55
C GLY A 29 -13.47 -7.25 10.04
N LYS A 30 -14.34 -7.32 11.05
CA LYS A 30 -15.14 -6.15 11.47
C LYS A 30 -14.48 -5.29 12.56
N GLU A 31 -14.84 -4.00 12.58
CA GLU A 31 -14.44 -3.09 13.63
C GLU A 31 -15.50 -3.19 14.71
N ILE A 32 -15.15 -3.78 15.84
CA ILE A 32 -16.12 -4.06 16.90
C ILE A 32 -15.96 -3.19 18.14
N ALA A 33 -15.30 -2.05 18.00
CA ALA A 33 -15.09 -1.17 19.15
C ALA A 33 -15.52 0.23 18.83
N ASP A 34 -16.39 0.80 19.69
CA ASP A 34 -16.72 2.19 19.56
C ASP A 34 -15.40 2.93 19.68
N PRO A 35 -14.99 3.62 18.59
CA PRO A 35 -13.68 4.29 18.57
C PRO A 35 -13.48 5.27 19.72
N VAL A 36 -12.24 5.44 20.15
CA VAL A 36 -11.89 6.38 21.24
C VAL A 36 -10.84 7.37 20.76
N VAL A 37 -11.17 8.65 20.79
CA VAL A 37 -10.28 9.69 20.29
C VAL A 37 -9.62 10.47 21.44
N LEU A 38 -8.31 10.38 21.53
CA LEU A 38 -7.55 11.15 22.50
C LEU A 38 -6.48 11.91 21.74
N PRO A 39 -6.02 13.04 22.29
CA PRO A 39 -5.00 13.80 21.58
C PRO A 39 -3.61 13.19 21.79
N ALA A 40 -2.72 13.45 20.84
CA ALA A 40 -1.33 13.01 20.95
C ALA A 40 -0.52 14.20 21.43
N CYS A 41 -0.26 14.24 22.74
CA CYS A 41 0.49 15.35 23.32
C CYS A 41 1.97 15.21 22.97
N ALA A 42 2.29 15.46 21.71
CA ALA A 42 3.62 15.25 21.17
C ALA A 42 4.72 16.00 21.92
N ASP A 43 4.37 17.14 22.51
CA ASP A 43 5.37 17.97 23.20
C ASP A 43 5.84 17.36 24.52
N CYS A 44 5.01 16.50 25.12
CA CYS A 44 5.39 15.83 26.36
C CYS A 44 5.37 14.30 26.18
N LEU A 45 6.56 13.71 26.10
CA LEU A 45 6.68 12.27 25.91
C LEU A 45 5.74 11.54 26.87
N ASP A 46 5.87 11.81 28.17
CA ASP A 46 5.04 11.14 29.20
C ASP A 46 3.55 11.41 29.08
N LYS A 47 3.17 12.54 28.49
CA LYS A 47 1.76 12.86 28.35
C LYS A 47 1.08 11.98 27.27
N CYS A 48 1.65 11.94 26.06
CA CYS A 48 1.03 11.17 24.95
C CYS A 48 1.28 9.67 25.14
N LEU A 49 2.45 9.34 25.64
CA LEU A 49 2.75 7.96 25.96
C LEU A 49 1.70 7.48 26.98
N GLY A 50 1.25 8.39 27.85
CA GLY A 50 0.21 8.10 28.84
C GLY A 50 -1.18 8.04 28.24
N ASN A 51 -1.41 8.79 27.16
CA ASN A 51 -2.68 8.73 26.45
C ASN A 51 -2.84 7.39 25.75
N LEU A 52 -1.75 6.91 25.15
CA LEU A 52 -1.75 5.60 24.48
C LEU A 52 -2.22 4.53 25.43
N VAL A 53 -1.68 4.54 26.64
CA VAL A 53 -2.09 3.58 27.65
C VAL A 53 -3.59 3.76 27.92
N GLU A 54 -4.02 5.00 28.14
CA GLU A 54 -5.44 5.29 28.41
C GLU A 54 -6.30 4.85 27.23
N GLY A 55 -5.88 5.21 26.02
CA GLY A 55 -6.61 4.89 24.80
C GLY A 55 -6.88 3.41 24.65
N PHE A 56 -5.84 2.59 24.82
CA PHE A 56 -5.99 1.16 24.72
C PHE A 56 -6.75 0.57 25.91
N LYS A 57 -6.49 1.08 27.10
CA LYS A 57 -7.20 0.62 28.30
C LYS A 57 -8.69 0.89 28.15
N ALA A 58 -9.01 2.05 27.58
CA ALA A 58 -10.40 2.42 27.34
C ALA A 58 -11.11 1.34 26.54
N ILE A 59 -10.52 0.99 25.40
CA ILE A 59 -11.09 -0.04 24.52
C ILE A 59 -11.17 -1.39 25.20
N GLN A 60 -10.01 -1.90 25.64
CA GLN A 60 -9.94 -3.19 26.30
C GLN A 60 -11.13 -3.42 27.25
N ALA A 61 -11.43 -2.42 28.08
CA ALA A 61 -12.50 -2.52 29.10
C ALA A 61 -13.90 -2.81 28.53
N GLY A 62 -14.12 -2.53 27.25
CA GLY A 62 -15.44 -2.75 26.62
C GLY A 62 -15.45 -3.83 25.56
N LEU A 63 -14.63 -4.87 25.74
CA LEU A 63 -14.57 -6.00 24.79
C LEU A 63 -15.26 -7.24 25.37
N PRO A 64 -15.82 -8.10 24.50
CA PRO A 64 -16.40 -9.36 24.99
C PRO A 64 -15.31 -10.26 25.62
N GLU A 65 -14.47 -10.86 24.78
CA GLU A 65 -13.34 -11.64 25.28
C GLU A 65 -12.16 -10.67 25.46
N ALA A 66 -11.04 -11.17 25.98
CA ALA A 66 -9.83 -10.35 26.12
C ALA A 66 -9.07 -10.35 24.79
N PRO A 67 -8.31 -9.27 24.50
CA PRO A 67 -7.60 -9.14 23.23
C PRO A 67 -6.34 -9.99 23.14
N VAL A 68 -6.01 -10.43 21.94
CA VAL A 68 -4.90 -11.36 21.70
C VAL A 68 -3.58 -10.64 21.30
N ALA A 69 -3.69 -9.37 20.92
CA ALA A 69 -2.52 -8.56 20.54
C ALA A 69 -2.97 -7.17 20.13
N ILE A 70 -2.02 -6.34 19.72
CA ILE A 70 -2.34 -5.04 19.17
C ILE A 70 -1.31 -4.65 18.15
N SER A 71 -1.76 -4.31 16.95
CA SER A 71 -0.85 -3.83 15.93
C SER A 71 -1.42 -2.60 15.28
N PHE A 72 -0.54 -1.77 14.76
CA PHE A 72 -0.92 -0.54 14.14
C PHE A 72 0.22 0.00 13.34
N ALA A 73 -0.09 0.95 12.46
CA ALA A 73 0.90 1.60 11.65
C ALA A 73 1.39 2.83 12.37
N PHE A 74 2.66 3.16 12.19
CA PHE A 74 3.21 4.32 12.85
C PHE A 74 4.21 5.06 11.93
N PRO A 75 4.15 6.40 11.96
CA PRO A 75 4.90 7.32 11.15
C PRO A 75 6.35 6.95 10.79
N GLY A 76 7.18 6.66 11.76
CA GLY A 76 8.60 6.36 11.46
C GLY A 76 9.35 7.56 10.86
N PRO A 77 10.65 7.40 10.55
CA PRO A 77 11.47 6.19 10.59
C PRO A 77 11.50 5.53 11.93
N ALA A 78 11.66 4.21 11.93
CA ALA A 78 11.69 3.44 13.16
C ALA A 78 12.30 2.09 12.90
N ASP A 79 12.75 1.44 13.97
CA ASP A 79 13.14 0.04 13.91
C ASP A 79 11.85 -0.72 14.21
N TYR A 80 11.04 -0.91 13.19
CA TYR A 80 9.70 -1.45 13.34
C TYR A 80 9.66 -2.83 13.97
N GLN A 81 10.58 -3.69 13.58
CA GLN A 81 10.60 -5.05 14.12
C GLN A 81 10.88 -5.04 15.62
N ALA A 82 11.80 -4.16 16.04
CA ALA A 82 12.12 -3.99 17.47
C ALA A 82 11.04 -3.16 18.17
N GLY A 83 10.21 -2.48 17.39
CA GLY A 83 9.12 -1.68 17.94
C GLY A 83 9.57 -0.41 18.63
N ILE A 84 10.72 0.13 18.23
CA ILE A 84 11.20 1.38 18.81
C ILE A 84 11.28 2.45 17.70
N ILE A 85 10.65 3.58 17.97
CA ILE A 85 10.44 4.62 16.95
C ILE A 85 11.50 5.71 16.99
N GLY A 86 11.86 6.21 15.81
CA GLY A 86 12.92 7.20 15.68
C GLY A 86 12.46 8.65 15.84
N ASP A 87 13.33 9.57 15.40
CA ASP A 87 13.07 11.00 15.54
C ASP A 87 12.05 11.47 14.51
N LEU A 88 10.78 11.48 14.90
CA LEU A 88 9.72 11.94 14.00
C LEU A 88 9.69 13.45 13.98
N PRO A 89 9.46 14.04 12.80
CA PRO A 89 9.38 15.51 12.70
C PRO A 89 8.18 16.09 13.44
N ASN A 90 7.00 15.50 13.23
CA ASN A 90 5.75 15.97 13.84
C ASN A 90 5.54 15.55 15.33
N PHE A 91 6.54 14.89 15.92
CA PHE A 91 6.51 14.50 17.35
C PHE A 91 7.83 14.93 18.00
N PRO A 92 7.85 16.11 18.62
CA PRO A 92 9.10 16.59 19.21
C PRO A 92 9.56 15.81 20.45
N SER A 93 8.64 15.22 21.20
CA SER A 93 9.02 14.46 22.41
C SER A 93 9.54 13.06 22.08
N PHE A 94 9.90 12.85 20.80
CA PHE A 94 10.34 11.53 20.31
C PHE A 94 11.82 11.46 19.91
N ARG A 95 12.52 12.59 19.96
CA ARG A 95 13.95 12.59 19.63
C ARG A 95 14.70 11.69 20.64
N GLY A 96 15.53 10.78 20.11
CA GLY A 96 16.34 9.88 20.96
C GLY A 96 16.13 8.40 20.67
N GLY A 97 14.87 8.00 20.51
CA GLY A 97 14.51 6.60 20.28
C GLY A 97 13.55 6.13 21.37
N VAL A 98 12.28 6.00 21.02
CA VAL A 98 11.26 5.61 21.99
C VAL A 98 10.87 4.15 21.78
N ALA A 99 11.11 3.33 22.80
CA ALA A 99 10.75 1.91 22.74
C ALA A 99 9.26 1.74 22.97
N LEU A 100 8.48 2.18 21.98
CA LEU A 100 7.03 2.17 22.09
C LEU A 100 6.47 0.75 22.11
N GLY A 101 7.00 -0.11 21.25
CA GLY A 101 6.54 -1.49 21.17
C GLY A 101 6.62 -2.21 22.51
N PRO A 102 7.84 -2.35 23.04
CA PRO A 102 8.06 -2.99 24.35
C PRO A 102 7.28 -2.32 25.50
N PHE A 103 7.15 -1.00 25.44
CA PHE A 103 6.43 -0.28 26.48
C PHE A 103 5.01 -0.80 26.62
N LEU A 104 4.28 -0.80 25.51
CA LEU A 104 2.89 -1.30 25.52
C LEU A 104 2.85 -2.80 25.82
N GLU A 105 3.85 -3.53 25.32
CA GLU A 105 3.95 -4.97 25.52
C GLU A 105 4.06 -5.30 27.02
N ASP A 106 4.66 -4.37 27.78
CA ASP A 106 4.77 -4.51 29.22
C ASP A 106 3.43 -4.17 29.91
N ILE A 107 2.89 -2.99 29.61
CA ILE A 107 1.64 -2.53 30.22
C ILE A 107 0.44 -3.40 29.87
N PHE A 108 0.55 -4.24 28.85
CA PHE A 108 -0.59 -5.06 28.42
C PHE A 108 -0.31 -6.57 28.35
N GLY A 109 0.97 -6.96 28.33
CA GLY A 109 1.33 -8.38 28.35
C GLY A 109 1.33 -9.02 26.97
N ILE A 110 0.21 -8.85 26.25
CA ILE A 110 0.11 -9.34 24.88
C ILE A 110 1.17 -8.66 23.96
N PRO A 111 1.45 -9.29 22.80
CA PRO A 111 2.45 -8.74 21.90
C PRO A 111 1.92 -7.55 21.10
N VAL A 112 2.83 -6.64 20.70
CA VAL A 112 2.44 -5.50 19.88
C VAL A 112 3.28 -5.46 18.62
N PHE A 113 2.65 -5.09 17.50
CA PHE A 113 3.36 -5.02 16.22
C PHE A 113 3.18 -3.64 15.61
N ILE A 114 4.28 -3.01 15.26
CA ILE A 114 4.23 -1.69 14.63
C ILE A 114 4.87 -1.79 13.25
N ASN A 115 4.23 -1.19 12.27
CA ASN A 115 4.72 -1.19 10.89
C ASN A 115 4.38 0.13 10.24
N ASN A 116 4.95 0.41 9.07
CA ASN A 116 4.58 1.65 8.34
C ASN A 116 3.43 1.39 7.36
N ASP A 117 2.72 2.46 7.02
CA ASP A 117 1.56 2.36 6.13
C ASP A 117 1.79 1.49 4.90
N GLY A 118 2.83 1.82 4.14
CA GLY A 118 3.12 1.12 2.89
C GLY A 118 3.19 -0.38 3.02
N SER A 119 3.82 -0.85 4.11
CA SER A 119 3.98 -2.27 4.38
C SER A 119 2.64 -2.97 4.61
N LEU A 120 1.88 -2.45 5.56
CA LEU A 120 0.57 -3.00 5.90
C LEU A 120 -0.37 -3.02 4.70
N PHE A 121 -0.22 -2.04 3.81
CA PHE A 121 -1.06 -1.97 2.62
C PHE A 121 -0.77 -3.12 1.67
N ALA A 122 0.50 -3.35 1.39
CA ALA A 122 0.89 -4.44 0.51
C ALA A 122 0.48 -5.77 1.12
N TYR A 123 0.73 -5.93 2.42
CA TYR A 123 0.39 -7.16 3.14
C TYR A 123 -1.10 -7.39 3.05
N GLY A 124 -1.87 -6.36 3.34
CA GLY A 124 -3.32 -6.43 3.25
C GLY A 124 -3.78 -6.94 1.91
N GLU A 125 -3.27 -6.33 0.84
CA GLU A 125 -3.64 -6.71 -0.53
C GLU A 125 -3.16 -8.11 -0.92
N ALA A 126 -2.08 -8.57 -0.30
CA ALA A 126 -1.48 -9.86 -0.64
C ALA A 126 -2.30 -11.02 -0.09
N LEU A 127 -2.93 -10.80 1.05
CA LEU A 127 -3.63 -11.88 1.74
C LEU A 127 -5.15 -11.64 1.84
N THR A 128 -5.57 -10.39 1.65
CA THR A 128 -6.98 -10.02 1.75
C THR A 128 -7.57 -9.43 0.48
N GLY A 129 -6.78 -8.64 -0.22
CA GLY A 129 -7.25 -7.88 -1.36
C GLY A 129 -7.12 -8.56 -2.71
N VAL A 130 -6.43 -7.89 -3.62
CA VAL A 130 -6.37 -8.32 -5.02
C VAL A 130 -5.61 -9.61 -5.29
N LEU A 131 -4.49 -9.83 -4.64
CA LEU A 131 -3.64 -10.98 -5.01
C LEU A 131 -4.41 -12.31 -5.01
N PRO A 132 -5.22 -12.57 -3.97
CA PRO A 132 -6.03 -13.79 -3.99
C PRO A 132 -7.09 -13.76 -5.12
N GLU A 133 -7.76 -12.64 -5.33
CA GLU A 133 -8.72 -12.52 -6.44
C GLU A 133 -8.05 -12.89 -7.76
N ILE A 134 -6.88 -12.28 -8.03
CA ILE A 134 -6.16 -12.51 -9.28
C ILE A 134 -5.82 -13.98 -9.48
N ASN A 135 -5.27 -14.60 -8.45
CA ASN A 135 -4.84 -15.99 -8.54
C ASN A 135 -5.97 -16.97 -8.79
N ARG A 136 -7.14 -16.73 -8.19
CA ARG A 136 -8.26 -17.64 -8.42
C ARG A 136 -8.76 -17.40 -9.82
N ARG A 137 -8.82 -16.12 -10.21
CA ARG A 137 -9.31 -15.73 -11.52
C ARG A 137 -8.45 -16.34 -12.61
N LEU A 138 -7.18 -16.62 -12.28
CA LEU A 138 -6.31 -17.34 -13.17
C LEU A 138 -6.73 -18.80 -13.22
N ARG A 139 -6.73 -19.47 -12.06
CA ARG A 139 -7.17 -20.88 -12.01
C ARG A 139 -8.52 -21.06 -12.67
N GLU A 140 -9.47 -20.19 -12.32
CA GLU A 140 -10.80 -20.19 -12.92
C GLU A 140 -10.69 -20.10 -14.45
N ALA A 141 -9.76 -19.27 -14.94
CA ALA A 141 -9.52 -19.13 -16.39
C ALA A 141 -8.74 -20.32 -16.96
N GLY A 142 -8.39 -21.28 -16.12
CA GLY A 142 -7.69 -22.47 -16.56
C GLY A 142 -6.17 -22.32 -16.71
N SER A 143 -5.60 -21.28 -16.08
CA SER A 143 -4.15 -21.06 -16.16
C SER A 143 -3.43 -21.75 -15.00
N THR A 144 -2.25 -22.26 -15.27
CA THR A 144 -1.46 -22.92 -14.27
C THR A 144 -0.62 -21.92 -13.48
N LYS A 145 -0.53 -20.68 -13.97
CA LYS A 145 0.32 -19.67 -13.34
C LYS A 145 -0.31 -19.03 -12.10
N ARG A 146 0.48 -18.91 -11.03
CA ARG A 146 0.05 -18.26 -9.79
C ARG A 146 1.12 -17.26 -9.34
N TYR A 147 0.70 -16.05 -8.98
CA TYR A 147 1.62 -14.99 -8.55
C TYR A 147 1.74 -14.90 -7.03
N LYS A 148 2.98 -14.90 -6.53
CA LYS A 148 3.24 -14.88 -5.09
C LYS A 148 3.92 -13.57 -4.62
N ASN A 149 4.46 -12.79 -5.56
CA ASN A 149 5.17 -11.55 -5.23
C ASN A 149 4.33 -10.31 -5.58
N LEU A 150 4.16 -9.41 -4.59
CA LEU A 150 3.33 -8.21 -4.75
C LEU A 150 4.05 -6.93 -4.34
N LEU A 151 3.92 -5.90 -5.18
CA LEU A 151 4.43 -4.58 -4.89
C LEU A 151 3.24 -3.63 -4.81
N GLY A 152 2.89 -3.23 -3.60
CA GLY A 152 1.77 -2.33 -3.39
C GLY A 152 2.24 -0.92 -3.18
N VAL A 153 1.61 0.03 -3.86
CA VAL A 153 2.02 1.43 -3.75
C VAL A 153 0.80 2.34 -3.55
N THR A 154 0.91 3.27 -2.61
CA THR A 154 -0.16 4.19 -2.33
C THR A 154 0.14 5.54 -2.99
N LEU A 155 -0.71 5.96 -3.90
CA LEU A 155 -0.58 7.27 -4.51
C LEU A 155 -1.42 8.24 -3.69
N GLY A 156 -0.75 9.16 -2.99
CA GLY A 156 -1.45 10.12 -2.15
C GLY A 156 -0.55 11.24 -1.68
N THR A 157 -0.66 11.59 -0.40
CA THR A 157 0.19 12.61 0.20
C THR A 157 1.64 12.36 -0.21
N GLY A 158 2.00 11.09 -0.33
CA GLY A 158 3.31 10.71 -0.81
C GLY A 158 3.21 9.59 -1.82
N PHE A 159 4.34 8.94 -2.05
CA PHE A 159 4.41 7.81 -2.96
C PHE A 159 4.92 6.64 -2.14
N GLY A 160 4.07 6.17 -1.23
CA GLY A 160 4.44 5.08 -0.34
C GLY A 160 4.34 3.75 -1.04
N ALA A 161 4.97 2.73 -0.46
CA ALA A 161 4.97 1.41 -1.05
C ALA A 161 5.42 0.33 -0.08
N GLY A 162 5.03 -0.90 -0.38
CA GLY A 162 5.42 -2.07 0.42
C GLY A 162 5.62 -3.26 -0.51
N VAL A 163 6.44 -4.21 -0.09
CA VAL A 163 6.72 -5.39 -0.93
C VAL A 163 6.55 -6.67 -0.15
N VAL A 164 5.75 -7.59 -0.71
CA VAL A 164 5.50 -8.90 -0.10
C VAL A 164 6.02 -10.00 -1.01
N ILE A 165 6.88 -10.87 -0.47
CA ILE A 165 7.40 -12.03 -1.24
C ILE A 165 6.81 -13.32 -0.70
N ASP A 166 5.88 -13.89 -1.45
CA ASP A 166 5.19 -15.11 -1.03
C ASP A 166 4.90 -15.10 0.47
N GLY A 167 4.17 -14.08 0.91
CA GLY A 167 3.72 -13.98 2.31
C GLY A 167 4.66 -13.27 3.26
N GLU A 168 5.94 -13.19 2.88
CA GLU A 168 6.95 -12.55 3.74
C GLU A 168 7.14 -11.11 3.39
N LEU A 169 6.76 -10.23 4.30
CA LEU A 169 6.91 -8.80 4.13
C LEU A 169 8.40 -8.48 3.99
N LEU A 170 8.77 -7.77 2.92
CA LEU A 170 10.17 -7.45 2.70
C LEU A 170 10.58 -6.24 3.57
N ARG A 171 11.05 -6.54 4.77
CA ARG A 171 11.38 -5.52 5.78
C ARG A 171 12.62 -4.71 5.44
N GLY A 172 13.67 -5.39 5.01
CA GLY A 172 14.92 -4.73 4.71
C GLY A 172 15.77 -4.67 5.96
N ASP A 173 17.09 -4.59 5.76
CA ASP A 173 18.02 -4.62 6.88
C ASP A 173 18.08 -3.32 7.66
N ASN A 174 17.46 -2.28 7.14
CA ASN A 174 17.39 -1.00 7.84
C ASN A 174 15.93 -0.59 8.05
N ALA A 175 15.04 -1.58 8.06
CA ALA A 175 13.61 -1.33 8.16
C ALA A 175 13.21 -0.34 7.08
N ALA A 176 13.82 -0.47 5.90
CA ALA A 176 13.58 0.44 4.79
C ALA A 176 13.38 -0.32 3.49
N GLY A 177 12.90 -1.53 3.58
CA GLY A 177 12.65 -2.32 2.40
C GLY A 177 11.47 -1.78 1.62
N GLY A 178 11.50 -1.98 0.31
CA GLY A 178 10.40 -1.61 -0.57
C GLY A 178 10.14 -0.13 -0.76
N TYR A 179 11.12 0.73 -0.47
CA TYR A 179 10.96 2.16 -0.73
C TYR A 179 11.00 2.42 -2.24
N VAL A 180 10.06 3.23 -2.74
CA VAL A 180 10.10 3.64 -4.16
C VAL A 180 10.04 5.15 -4.30
N TRP A 181 9.77 5.84 -3.19
CA TRP A 181 9.59 7.29 -3.22
C TRP A 181 10.86 8.06 -3.54
N CYS A 182 12.00 7.49 -3.21
CA CYS A 182 13.26 8.20 -3.37
C CYS A 182 14.05 7.75 -4.60
N LEU A 183 13.41 7.02 -5.51
CA LEU A 183 14.08 6.64 -6.75
C LEU A 183 14.28 7.90 -7.58
N ARG A 184 15.18 7.84 -8.55
CA ARG A 184 15.50 9.01 -9.38
C ARG A 184 14.30 9.36 -10.27
N ASN A 185 14.00 10.66 -10.37
CA ASN A 185 12.89 11.16 -11.18
C ASN A 185 13.31 11.20 -12.65
N LYS A 186 12.45 10.68 -13.52
CA LYS A 186 12.78 10.57 -14.96
C LYS A 186 12.93 11.94 -15.65
N LYS A 187 11.93 12.80 -15.49
CA LYS A 187 11.93 14.13 -16.13
C LYS A 187 12.57 15.23 -15.28
N TYR A 188 13.12 14.87 -14.13
CA TYR A 188 13.75 15.84 -13.22
C TYR A 188 14.91 15.17 -12.49
N PRO A 189 15.90 14.67 -13.24
CA PRO A 189 17.05 13.87 -12.73
C PRO A 189 17.65 14.32 -11.38
N GLU A 190 17.59 15.61 -11.09
CA GLU A 190 18.14 16.14 -9.84
C GLU A 190 17.21 15.91 -8.62
N TYR A 191 15.95 15.51 -8.87
CA TYR A 191 14.97 15.27 -7.79
C TYR A 191 14.49 13.79 -7.71
N ILE A 192 13.70 13.49 -6.67
CA ILE A 192 13.16 12.15 -6.47
C ILE A 192 11.80 12.02 -7.15
N VAL A 193 11.33 10.80 -7.35
CA VAL A 193 10.06 10.57 -8.06
C VAL A 193 8.83 11.07 -7.31
N GLU A 194 8.88 11.09 -5.98
CA GLU A 194 7.72 11.55 -5.19
C GLU A 194 7.35 12.97 -5.56
N GLU A 195 8.33 13.72 -6.04
CA GLU A 195 8.12 15.12 -6.40
C GLU A 195 7.20 15.26 -7.59
N SER A 196 7.10 14.20 -8.40
CA SER A 196 6.21 14.19 -9.56
C SER A 196 5.10 13.12 -9.40
N VAL A 197 5.08 12.44 -8.25
CA VAL A 197 4.06 11.42 -7.96
C VAL A 197 3.50 11.65 -6.55
N SER A 198 2.51 12.53 -6.46
CA SER A 198 1.91 12.91 -5.20
C SER A 198 0.83 13.95 -5.44
N ILE A 199 0.09 14.31 -4.39
CA ILE A 199 -0.94 15.33 -4.50
C ILE A 199 -0.32 16.67 -4.98
N ARG A 200 0.91 16.93 -4.56
CA ARG A 200 1.65 18.13 -4.96
C ARG A 200 1.78 18.20 -6.46
N ALA A 201 2.23 17.10 -7.06
CA ALA A 201 2.52 17.06 -8.50
C ALA A 201 1.28 17.27 -9.33
N VAL A 202 0.16 16.75 -8.87
CA VAL A 202 -1.10 16.95 -9.57
C VAL A 202 -1.46 18.42 -9.51
N ARG A 204 0.48 20.96 -8.72
CA ARG A 204 1.55 21.79 -9.30
C ARG A 204 1.47 21.87 -10.80
N VAL A 205 1.35 20.71 -11.45
CA VAL A 205 1.32 20.65 -12.90
C VAL A 205 0.13 21.40 -13.48
N TYR A 206 -1.06 21.16 -12.93
CA TYR A 206 -2.25 21.87 -13.42
C TYR A 206 -2.05 23.37 -13.32
N ALA A 207 -1.42 23.82 -12.25
CA ALA A 207 -1.15 25.24 -12.07
C ALA A 207 -0.21 25.75 -13.17
N GLU A 208 0.72 24.91 -13.60
CA GLU A 208 1.71 25.28 -14.62
C GLU A 208 1.11 25.22 -16.02
N ARG A 209 0.38 24.15 -16.30
CA ARG A 209 -0.18 23.94 -17.64
C ARG A 209 -1.28 24.95 -17.94
N SER A 210 -2.08 25.27 -16.93
CA SER A 210 -3.06 26.34 -17.04
C SER A 210 -2.42 27.57 -16.41
N GLY A 211 -3.13 28.69 -16.39
CA GLY A 211 -2.59 29.90 -15.77
C GLY A 211 -3.26 30.18 -14.45
N ASP A 212 -3.87 29.15 -13.87
CA ASP A 212 -4.63 29.29 -12.63
C ASP A 212 -3.74 29.09 -11.42
N ALA A 213 -3.55 30.17 -10.64
CA ALA A 213 -2.71 30.15 -9.46
C ALA A 213 -3.54 29.88 -8.19
N GLY A 214 -4.81 29.53 -8.35
CA GLY A 214 -5.67 29.28 -7.22
C GLY A 214 -5.50 27.87 -6.69
N ALA A 215 -5.77 27.69 -5.40
CA ALA A 215 -5.65 26.39 -4.75
C ALA A 215 -6.77 25.45 -5.17
N ARG A 216 -6.41 24.40 -5.91
CA ARG A 216 -7.37 23.39 -6.34
C ARG A 216 -6.99 22.03 -5.73
N THR A 217 -8.01 21.27 -5.32
CA THR A 217 -7.79 19.91 -4.80
C THR A 217 -7.81 18.93 -5.97
N PRO A 218 -7.07 17.80 -5.84
CA PRO A 218 -7.02 16.83 -6.93
C PRO A 218 -8.40 16.37 -7.41
N LYS A 219 -9.35 16.20 -6.49
CA LYS A 219 -10.74 15.90 -6.88
C LYS A 219 -11.24 16.99 -7.85
N GLU A 220 -11.11 18.25 -7.46
CA GLU A 220 -11.53 19.37 -8.32
C GLU A 220 -10.83 19.29 -9.66
N ILE A 221 -9.55 18.95 -9.65
CA ILE A 221 -8.75 18.83 -10.86
C ILE A 221 -9.27 17.67 -11.69
N PHE A 222 -9.61 16.57 -11.03
CA PHE A 222 -10.20 15.41 -11.71
C PHE A 222 -11.51 15.81 -12.36
N GLU A 223 -12.33 16.57 -11.64
CA GLU A 223 -13.60 17.05 -12.18
C GLU A 223 -13.39 17.97 -13.40
N ILE A 224 -12.34 18.78 -13.39
CA ILE A 224 -12.02 19.62 -14.54
C ILE A 224 -11.66 18.75 -15.77
N ALA A 225 -10.84 17.73 -15.53
CA ALA A 225 -10.43 16.84 -16.61
C ALA A 225 -11.61 16.02 -17.09
N GLU A 226 -12.50 15.68 -16.17
CA GLU A 226 -13.65 14.85 -16.47
C GLU A 226 -14.77 15.63 -17.18
N GLY A 227 -14.67 16.97 -17.19
CA GLY A 227 -15.64 17.84 -17.90
C GLY A 227 -16.79 18.40 -17.05
N ILE A 228 -16.83 18.05 -15.77
CA ILE A 228 -17.88 18.54 -14.86
C ILE A 228 -17.56 19.96 -14.41
N ARG A 229 -16.39 20.12 -13.80
CA ARG A 229 -15.92 21.41 -13.30
C ARG A 229 -15.30 22.18 -14.46
N PRO A 230 -15.48 23.51 -14.47
CA PRO A 230 -14.85 24.33 -15.52
C PRO A 230 -13.38 24.63 -15.23
N GLY A 231 -12.60 24.75 -16.29
CA GLY A 231 -11.16 25.02 -16.17
C GLY A 231 -10.43 24.64 -17.45
N ASN A 232 -9.13 24.33 -17.34
CA ASN A 232 -8.33 23.92 -18.49
C ASN A 232 -8.25 22.41 -18.58
N ARG A 233 -9.22 21.82 -19.27
CA ARG A 233 -9.34 20.37 -19.39
C ARG A 233 -8.04 19.70 -19.88
N GLU A 234 -7.45 20.24 -20.93
CA GLU A 234 -6.18 19.71 -21.46
C GLU A 234 -5.08 19.70 -20.38
N ALA A 235 -5.08 20.73 -19.52
CA ALA A 235 -4.11 20.82 -18.43
C ALA A 235 -4.46 19.84 -17.31
N ALA A 236 -5.73 19.78 -16.95
CA ALA A 236 -6.20 18.88 -15.89
C ALA A 236 -5.81 17.43 -16.18
N ILE A 237 -5.84 17.05 -17.46
CA ILE A 237 -5.43 15.70 -17.90
C ILE A 237 -3.93 15.52 -17.73
N ALA A 238 -3.16 16.40 -18.35
CA ALA A 238 -1.69 16.36 -18.25
C ALA A 238 -1.27 16.16 -16.79
N ALA A 239 -1.95 16.85 -15.89
CA ALA A 239 -1.65 16.72 -14.46
C ALA A 239 -1.57 15.26 -14.01
N PHE A 240 -2.51 14.44 -14.50
CA PHE A 240 -2.57 13.02 -14.15
C PHE A 240 -1.70 12.15 -15.07
N GLU A 241 -1.71 12.45 -16.36
CA GLU A 241 -0.86 11.72 -17.30
C GLU A 241 0.60 11.85 -16.86
N GLU A 242 1.02 13.09 -16.61
CA GLU A 242 2.40 13.38 -16.20
C GLU A 242 2.80 12.53 -15.00
N LEU A 243 1.87 12.35 -14.07
CA LEU A 243 2.12 11.54 -12.88
C LEU A 243 2.25 10.07 -13.27
N GLY A 244 1.36 9.61 -14.14
CA GLY A 244 1.42 8.26 -14.63
C GLY A 244 2.78 7.96 -15.21
N GLU A 245 3.30 8.88 -16.03
CA GLU A 245 4.57 8.66 -16.69
C GLU A 245 5.67 8.36 -15.68
N ALA A 247 5.40 7.63 -12.30
CA ALA A 247 5.05 6.45 -11.52
C ALA A 247 5.43 5.19 -12.29
N GLY A 248 5.07 5.17 -13.57
CA GLY A 248 5.38 4.04 -14.42
C GLY A 248 6.87 3.74 -14.48
N ASP A 249 7.66 4.78 -14.75
CA ASP A 249 9.13 4.64 -14.82
C ASP A 249 9.67 4.03 -13.52
N ALA A 250 9.21 4.55 -12.39
CA ALA A 250 9.62 4.04 -11.09
C ALA A 250 9.18 2.58 -10.94
N LEU A 251 7.88 2.35 -11.07
CA LEU A 251 7.32 1.00 -10.97
C LEU A 251 8.08 0.03 -11.88
N ALA A 252 8.37 0.45 -13.10
CA ALA A 252 9.10 -0.39 -14.06
C ALA A 252 10.41 -0.90 -13.48
N SER A 253 11.27 0.02 -13.05
CA SER A 253 12.58 -0.36 -12.53
C SER A 253 12.51 -1.05 -11.15
N ALA A 254 11.45 -0.78 -10.40
CA ALA A 254 11.26 -1.43 -9.10
C ALA A 254 10.82 -2.86 -9.31
N ILE A 255 9.86 -3.06 -10.21
CA ILE A 255 9.30 -4.38 -10.43
C ILE A 255 10.29 -5.31 -11.15
N THR A 256 11.27 -4.73 -11.85
CA THR A 256 12.31 -5.52 -12.50
C THR A 256 13.06 -6.39 -11.50
N LEU A 257 13.26 -5.88 -10.28
CA LEU A 257 13.92 -6.67 -9.23
C LEU A 257 12.95 -7.63 -8.54
N ILE A 258 11.71 -7.18 -8.30
CA ILE A 258 10.73 -8.01 -7.59
C ILE A 258 10.10 -9.07 -8.49
N ASP A 259 9.72 -8.68 -9.70
CA ASP A 259 9.11 -9.59 -10.66
C ASP A 259 7.82 -10.17 -10.10
N GLY A 260 6.86 -9.30 -9.81
CA GLY A 260 5.54 -9.74 -9.29
C GLY A 260 4.46 -8.78 -9.73
N LEU A 261 3.25 -8.95 -9.21
CA LEU A 261 2.14 -8.07 -9.59
C LEU A 261 2.21 -6.74 -8.80
N ILE A 262 1.63 -5.69 -9.39
CA ILE A 262 1.60 -4.36 -8.79
C ILE A 262 0.18 -3.99 -8.39
N VAL A 263 0.02 -3.50 -7.17
CA VAL A 263 -1.27 -2.97 -6.73
C VAL A 263 -1.12 -1.49 -6.42
N ILE A 264 -2.04 -0.69 -6.92
CA ILE A 264 -2.03 0.72 -6.65
C ILE A 264 -3.28 1.10 -5.90
N GLY A 265 -3.12 2.01 -4.94
CA GLY A 265 -4.25 2.50 -4.17
C GLY A 265 -3.94 3.90 -3.70
N GLY A 266 -4.76 4.39 -2.78
CA GLY A 266 -4.54 5.72 -2.20
C GLY A 266 -5.59 6.72 -2.65
N GLY A 267 -5.37 7.98 -2.31
CA GLY A 267 -6.32 9.05 -2.64
C GLY A 267 -6.50 9.24 -4.12
N LEU A 268 -5.39 9.42 -4.82
CA LEU A 268 -5.41 9.71 -6.25
C LEU A 268 -5.95 8.57 -7.11
N SER A 269 -6.16 7.41 -6.51
CA SER A 269 -6.70 6.25 -7.25
C SER A 269 -8.09 6.54 -7.86
N GLY A 270 -8.71 7.64 -7.42
CA GLY A 270 -9.97 8.06 -8.01
C GLY A 270 -9.82 8.42 -9.48
N ALA A 271 -8.59 8.74 -9.89
CA ALA A 271 -8.31 9.12 -11.26
C ALA A 271 -7.67 7.98 -12.06
N SER A 272 -8.04 6.73 -11.75
CA SER A 272 -7.55 5.57 -12.51
C SER A 272 -7.59 5.90 -13.99
N LYS A 273 -8.78 6.34 -14.42
CA LYS A 273 -9.09 6.68 -15.80
C LYS A 273 -7.95 7.40 -16.57
N TYR A 274 -7.26 8.32 -15.90
CA TYR A 274 -6.23 9.12 -16.56
C TYR A 274 -4.79 8.68 -16.27
N ILE A 275 -4.59 8.08 -15.10
CA ILE A 275 -3.28 7.62 -14.70
C ILE A 275 -2.88 6.31 -15.43
N LEU A 276 -3.67 5.27 -15.25
CA LEU A 276 -3.30 3.91 -15.68
C LEU A 276 -2.81 3.78 -17.13
N PRO A 277 -3.49 4.43 -18.07
CA PRO A 277 -3.07 4.27 -19.47
C PRO A 277 -1.62 4.72 -19.74
N VAL A 278 -1.28 5.94 -19.33
CA VAL A 278 0.08 6.45 -19.56
C VAL A 278 1.11 5.66 -18.72
N LEU A 279 0.71 5.30 -17.50
CA LEU A 279 1.53 4.51 -16.61
C LEU A 279 1.93 3.20 -17.27
N LEU A 280 0.93 2.46 -17.76
CA LEU A 280 1.19 1.20 -18.47
C LEU A 280 2.00 1.41 -19.75
N LYS A 281 1.71 2.48 -20.48
CA LYS A 281 2.45 2.78 -21.71
C LYS A 281 3.97 2.86 -21.40
N GLU A 282 4.31 3.49 -20.27
CA GLU A 282 5.71 3.66 -19.86
C GLU A 282 6.37 2.38 -19.42
N ASN A 284 5.69 -0.57 -20.44
CA ASN A 284 5.89 -1.43 -21.62
C ASN A 284 6.90 -0.88 -22.61
N ALA A 285 7.22 0.40 -22.48
CA ALA A 285 8.26 0.99 -23.31
C ALA A 285 9.64 0.63 -22.73
N GLN A 286 9.70 0.56 -21.40
CA GLN A 286 10.96 0.30 -20.65
C GLN A 286 11.37 -1.19 -20.62
N THR A 287 10.44 -2.07 -20.30
CA THR A 287 10.72 -3.51 -20.36
C THR A 287 10.66 -4.01 -21.82
N GLY A 288 10.50 -3.07 -22.77
CA GLY A 288 10.48 -3.36 -24.20
C GLY A 288 11.87 -3.26 -24.81
N GLN A 299 10.54 -9.02 -23.84
CA GLN A 299 10.49 -10.25 -23.05
C GLN A 299 9.66 -10.08 -21.77
N LYS A 300 8.80 -9.08 -21.72
CA LYS A 300 8.01 -8.84 -20.52
C LYS A 300 6.91 -7.85 -20.82
N GLU A 301 5.66 -8.25 -20.62
CA GLU A 301 4.55 -7.35 -20.84
C GLU A 301 3.79 -7.08 -19.55
N VAL A 302 3.28 -5.85 -19.43
CA VAL A 302 2.49 -5.44 -18.29
C VAL A 302 1.05 -5.27 -18.78
N TYR A 303 0.13 -6.00 -18.16
CA TYR A 303 -1.28 -6.00 -18.58
C TYR A 303 -2.14 -5.20 -17.63
N ASP A 304 -3.23 -4.66 -18.15
CA ASP A 304 -4.21 -3.96 -17.34
C ASP A 304 -5.14 -4.99 -16.77
N LEU A 305 -4.86 -5.43 -15.55
CA LEU A 305 -5.64 -6.49 -14.93
C LEU A 305 -7.10 -6.10 -14.65
N ASP A 306 -7.45 -4.82 -14.85
CA ASP A 306 -8.81 -4.31 -14.53
C ASP A 306 -9.78 -4.30 -15.74
N GLU A 307 -9.25 -4.56 -16.93
CA GLU A 307 -10.08 -4.69 -18.15
C GLU A 307 -10.16 -6.18 -18.50
N GLU A 308 -11.36 -6.67 -18.85
CA GLU A 308 -11.54 -8.10 -19.14
C GLU A 308 -10.67 -8.60 -20.30
N LYS A 309 -10.77 -7.93 -21.45
CA LYS A 309 -10.01 -8.33 -22.63
C LYS A 309 -8.51 -8.48 -22.32
N SER A 310 -7.99 -7.52 -21.56
CA SER A 310 -6.56 -7.51 -21.19
C SER A 310 -6.21 -8.65 -20.24
N PHE A 311 -7.09 -8.89 -19.26
CA PHE A 311 -6.88 -9.96 -18.28
C PHE A 311 -6.90 -11.33 -18.94
N ALA A 312 -7.68 -11.46 -20.01
CA ALA A 312 -7.80 -12.73 -20.71
C ALA A 312 -6.45 -13.16 -21.29
N GLY A 313 -5.77 -12.23 -21.96
CA GLY A 313 -4.43 -12.50 -22.52
C GLY A 313 -3.38 -12.67 -21.43
N PHE A 314 -3.63 -12.04 -20.29
CA PHE A 314 -2.77 -12.17 -19.12
C PHE A 314 -2.84 -13.59 -18.59
N ALA A 315 -4.05 -14.13 -18.52
CA ALA A 315 -4.27 -15.47 -17.95
C ALA A 315 -3.62 -16.57 -18.77
N ARG A 316 -3.85 -16.56 -20.07
CA ARG A 316 -3.38 -17.68 -20.91
C ARG A 316 -1.95 -17.56 -21.38
N GLY A 317 -1.53 -16.35 -21.70
CA GLY A 317 -0.18 -16.14 -22.21
C GLY A 317 0.11 -17.08 -23.37
N GLU A 318 1.15 -17.89 -23.22
CA GLU A 318 1.53 -18.86 -24.25
C GLU A 318 1.71 -20.25 -23.61
N ALA A 319 0.71 -20.67 -22.83
CA ALA A 319 0.78 -21.94 -22.07
C ALA A 319 0.71 -23.18 -22.95
N VAL A 320 1.54 -24.18 -22.64
CA VAL A 320 1.56 -25.46 -23.36
C VAL A 320 1.91 -26.62 -22.40
N GLU A 321 1.99 -27.82 -22.96
CA GLU A 321 2.49 -28.98 -22.22
C GLU A 321 3.67 -29.54 -23.00
N VAL A 322 4.74 -29.91 -22.30
CA VAL A 322 5.91 -30.48 -22.95
C VAL A 322 6.16 -31.89 -22.44
N LEU A 323 6.51 -32.77 -23.35
CA LEU A 323 6.74 -34.15 -23.01
C LEU A 323 8.12 -34.30 -22.41
N VAL A 324 8.20 -35.04 -21.30
CA VAL A 324 9.49 -35.34 -20.67
C VAL A 324 10.21 -36.36 -21.55
N PRO A 325 11.29 -35.93 -22.24
CA PRO A 325 12.02 -36.78 -23.18
C PRO A 325 12.19 -38.22 -22.71
N GLY A 326 11.74 -39.18 -23.53
CA GLY A 326 11.85 -40.60 -23.21
C GLY A 326 10.65 -41.14 -22.44
N THR A 327 10.04 -40.29 -21.62
CA THR A 327 8.89 -40.69 -20.83
C THR A 327 7.60 -40.43 -21.61
N ASN A 328 6.50 -40.98 -21.09
CA ASN A 328 5.17 -40.74 -21.65
C ASN A 328 4.44 -39.64 -20.87
N ARG A 329 5.18 -38.95 -19.99
CA ARG A 329 4.61 -37.93 -19.10
C ARG A 329 4.70 -36.53 -19.74
N LYS A 330 3.77 -35.65 -19.38
CA LYS A 330 3.77 -34.26 -19.88
C LYS A 330 3.89 -33.29 -18.70
N VAL A 331 4.62 -32.19 -18.91
CA VAL A 331 4.85 -31.19 -17.86
C VAL A 331 4.45 -29.80 -18.37
N GLY A 332 3.86 -28.99 -17.49
CA GLY A 332 3.37 -27.65 -17.87
C GLY A 332 4.48 -26.62 -18.05
N TYR A 333 4.32 -25.74 -19.03
CA TYR A 333 5.33 -24.74 -19.34
C TYR A 333 4.74 -23.56 -20.07
N ASP A 334 5.15 -22.36 -19.66
CA ASP A 334 4.70 -21.15 -20.29
C ASP A 334 5.89 -20.20 -20.40
N PRO A 335 6.45 -20.05 -21.62
CA PRO A 335 7.62 -19.19 -21.79
C PRO A 335 7.27 -17.71 -21.70
N CYS A 336 5.97 -17.40 -21.68
CA CYS A 336 5.52 -16.03 -21.67
C CYS A 336 5.65 -15.41 -20.30
N LYS A 337 6.61 -14.50 -20.16
CA LYS A 337 6.82 -13.79 -18.92
C LYS A 337 5.96 -12.52 -18.95
N ARG A 338 5.13 -12.34 -17.94
CA ARG A 338 4.18 -11.23 -17.92
C ARG A 338 3.92 -10.73 -16.52
N ILE A 339 3.52 -9.48 -16.43
CA ILE A 339 3.25 -8.83 -15.17
C ILE A 339 1.98 -8.02 -15.32
N GLY A 340 1.44 -7.52 -14.22
CA GLY A 340 0.19 -6.78 -14.29
C GLY A 340 0.07 -5.69 -13.26
N VAL A 341 -0.86 -4.78 -13.50
CA VAL A 341 -1.13 -3.69 -12.59
C VAL A 341 -2.61 -3.59 -12.35
N THR A 342 -3.00 -3.46 -11.09
CA THR A 342 -4.39 -3.38 -10.72
C THR A 342 -4.55 -2.39 -9.61
N PHE A 343 -5.68 -1.71 -9.57
CA PHE A 343 -5.99 -0.80 -8.47
C PHE A 343 -6.73 -1.56 -7.39
N SER A 344 -6.52 -1.16 -6.14
CA SER A 344 -7.16 -1.81 -5.01
C SER A 344 -8.67 -1.67 -5.10
N LYS A 345 -9.36 -2.78 -4.89
CA LYS A 345 -10.82 -2.76 -4.90
C LYS A 345 -11.33 -2.49 -3.49
N GLN A 346 -10.49 -2.82 -2.52
CA GLN A 346 -10.83 -2.76 -1.11
C GLN A 346 -10.65 -1.34 -0.53
N GLY A 347 -9.71 -0.58 -1.09
CA GLY A 347 -9.36 0.75 -0.59
C GLY A 347 -8.16 0.64 0.33
N ALA A 348 -7.24 1.59 0.22
CA ALA A 348 -6.04 1.59 1.03
C ALA A 348 -6.35 1.50 2.54
N ASN A 349 -7.38 2.23 3.00
CA ASN A 349 -7.73 2.22 4.42
C ASN A 349 -8.11 0.85 4.95
N ARG A 350 -8.93 0.12 4.20
CA ARG A 350 -9.36 -1.22 4.61
C ARG A 350 -8.16 -2.17 4.63
N SER A 351 -7.40 -2.19 3.52
CA SER A 351 -6.25 -3.08 3.38
C SER A 351 -5.23 -2.86 4.47
N ILE A 352 -5.01 -1.61 4.84
CA ILE A 352 -4.06 -1.27 5.87
C ILE A 352 -4.50 -1.84 7.21
N ALA A 353 -5.77 -1.63 7.55
CA ALA A 353 -6.33 -2.15 8.80
C ALA A 353 -6.25 -3.68 8.82
N GLY A 355 -4.29 -5.51 7.06
CA GLY A 355 -2.89 -5.86 7.08
C GLY A 355 -2.39 -5.94 8.50
N ALA A 356 -2.76 -4.94 9.30
CA ALA A 356 -2.39 -4.92 10.71
C ALA A 356 -3.01 -6.11 11.42
N TYR A 357 -4.28 -6.37 11.15
CA TYR A 357 -4.99 -7.47 11.77
C TYR A 357 -4.36 -8.81 11.46
N VAL A 358 -4.25 -9.12 10.16
CA VAL A 358 -3.71 -10.41 9.74
C VAL A 358 -2.22 -10.57 10.11
N PHE A 359 -1.43 -9.51 9.98
CA PHE A 359 -0.01 -9.58 10.37
C PHE A 359 0.09 -10.00 11.83
N ALA A 360 -0.78 -9.46 12.65
CA ALA A 360 -0.80 -9.79 14.04
C ALA A 360 -1.01 -11.28 14.18
N LEU A 361 -2.13 -11.76 13.63
CA LEU A 361 -2.52 -13.17 13.77
C LEU A 361 -1.48 -14.18 13.24
N ASN A 362 -0.74 -13.80 12.21
CA ASN A 362 0.26 -14.72 11.64
C ASN A 362 1.56 -14.78 12.44
N HIS A 363 1.83 -13.76 13.24
CA HIS A 363 3.10 -13.66 13.95
C HIS A 363 3.01 -13.83 15.49
N LEU A 364 1.85 -14.27 15.98
CA LEU A 364 1.66 -14.46 17.44
C LEU A 364 2.86 -15.12 18.16
#